data_346D
# 
_entry.id   346D 
# 
_audit_conform.dict_name       mmcif_pdbx.dic 
_audit_conform.dict_version    5.387 
_audit_conform.dict_location   http://mmcif.pdb.org/dictionaries/ascii/mmcif_pdbx.dic 
# 
loop_
_database_2.database_id 
_database_2.database_code 
_database_2.pdbx_database_accession 
_database_2.pdbx_DOI 
PDB   346D         pdb_0000346d 10.2210/pdb346d/pdb 
RCSB  ADHB101      ?            ?                   
WWPDB D_1000178815 ?            ?                   
# 
loop_
_pdbx_audit_revision_history.ordinal 
_pdbx_audit_revision_history.data_content_type 
_pdbx_audit_revision_history.major_revision 
_pdbx_audit_revision_history.minor_revision 
_pdbx_audit_revision_history.revision_date 
1 'Structure model' 1 0 1997-08-29 
2 'Structure model' 1 1 2008-05-22 
3 'Structure model' 1 2 2011-07-13 
4 'Structure model' 2 0 2024-02-21 
# 
_pdbx_audit_revision_details.ordinal             1 
_pdbx_audit_revision_details.revision_ordinal    1 
_pdbx_audit_revision_details.data_content_type   'Structure model' 
_pdbx_audit_revision_details.provider            repository 
_pdbx_audit_revision_details.type                'Initial release' 
_pdbx_audit_revision_details.description         ? 
_pdbx_audit_revision_details.details             ? 
# 
loop_
_pdbx_audit_revision_group.ordinal 
_pdbx_audit_revision_group.revision_ordinal 
_pdbx_audit_revision_group.data_content_type 
_pdbx_audit_revision_group.group 
1 2 'Structure model' 'Version format compliance' 
2 3 'Structure model' 'Version format compliance' 
3 4 'Structure model' 'Atomic model'              
4 4 'Structure model' 'Data collection'           
5 4 'Structure model' 'Database references'       
6 4 'Structure model' 'Derived calculations'      
# 
loop_
_pdbx_audit_revision_category.ordinal 
_pdbx_audit_revision_category.revision_ordinal 
_pdbx_audit_revision_category.data_content_type 
_pdbx_audit_revision_category.category 
1 4 'Structure model' atom_site      
2 4 'Structure model' chem_comp_atom 
3 4 'Structure model' chem_comp_bond 
4 4 'Structure model' database_2     
5 4 'Structure model' struct_conn    
# 
loop_
_pdbx_audit_revision_item.ordinal 
_pdbx_audit_revision_item.revision_ordinal 
_pdbx_audit_revision_item.data_content_type 
_pdbx_audit_revision_item.item 
1 4 'Structure model' '_atom_site.occupancy'                
2 4 'Structure model' '_database_2.pdbx_DOI'                
3 4 'Structure model' '_database_2.pdbx_database_accession' 
4 4 'Structure model' '_struct_conn.pdbx_leaving_atom_flag' 
# 
_pdbx_database_status.status_code                     REL 
_pdbx_database_status.entry_id                        346D 
_pdbx_database_status.recvd_initial_deposition_date   1997-08-26 
_pdbx_database_status.deposit_site                    NDB 
_pdbx_database_status.process_site                    NDB 
_pdbx_database_status.status_code_sf                  REL 
_pdbx_database_status.status_code_mr                  ? 
_pdbx_database_status.SG_entry                        ? 
_pdbx_database_status.pdb_format_compatible           Y 
_pdbx_database_status.status_code_cs                  ? 
_pdbx_database_status.status_code_nmr_data            ? 
_pdbx_database_status.methods_development_category    ? 
# 
loop_
_audit_author.name 
_audit_author.pdbx_ordinal 
'Mooers, B.H.M.' 1 
'Eichman, B.F.'  2 
'Ho, P.S.'       3 
# 
_citation.id                        primary 
_citation.title                     'Structural Parameters from Single-Crystal Structures for Accurate Models of A-DNA' 
_citation.journal_abbrev            'To be Published' 
_citation.journal_volume            ? 
_citation.page_first                ? 
_citation.page_last                 ? 
_citation.year                      ? 
_citation.journal_id_ASTM           ? 
_citation.country                   ? 
_citation.journal_id_ISSN           ? 
_citation.journal_id_CSD            0353 
_citation.book_publisher            ? 
_citation.pdbx_database_id_PubMed   ? 
_citation.pdbx_database_id_DOI      ? 
# 
loop_
_citation_author.citation_id 
_citation_author.name 
_citation_author.ordinal 
_citation_author.identifier_ORCID 
primary 'Mooers, B.H.M.' 1 ? 
primary 'Eichman, B.F.'  2 ? 
primary 'Ho, P.S.'       3 ? 
# 
loop_
_entity.id 
_entity.type 
_entity.src_method 
_entity.pdbx_description 
_entity.formula_weight 
_entity.pdbx_number_of_molecules 
_entity.pdbx_ec 
_entity.pdbx_mutation 
_entity.pdbx_fragment 
_entity.details 
1 polymer syn 
;DNA (5'-D(*GP*(5CM)P*GP*(5CM)P*GP*(5CM)P*GP*C)-3')
;
2470.674 1  ? ? ? ? 
2 water   nat water                                                18.015   18 ? ? ? ? 
# 
_entity_poly.entity_id                      1 
_entity_poly.type                           polydeoxyribonucleotide 
_entity_poly.nstd_linkage                   no 
_entity_poly.nstd_monomer                   yes 
_entity_poly.pdbx_seq_one_letter_code       '(DG)(5CM)(DG)(5CM)(DG)(5CM)(DG)(DC)' 
_entity_poly.pdbx_seq_one_letter_code_can   GCGCGCGC 
_entity_poly.pdbx_strand_id                 A 
_entity_poly.pdbx_target_identifier         ? 
# 
_pdbx_entity_nonpoly.entity_id   2 
_pdbx_entity_nonpoly.name        water 
_pdbx_entity_nonpoly.comp_id     HOH 
# 
loop_
_entity_poly_seq.entity_id 
_entity_poly_seq.num 
_entity_poly_seq.mon_id 
_entity_poly_seq.hetero 
1 1 DG  n 
1 2 5CM n 
1 3 DG  n 
1 4 5CM n 
1 5 DG  n 
1 6 5CM n 
1 7 DG  n 
1 8 DC  n 
# 
loop_
_chem_comp.id 
_chem_comp.type 
_chem_comp.mon_nstd_flag 
_chem_comp.name 
_chem_comp.pdbx_synonyms 
_chem_comp.formula 
_chem_comp.formula_weight 
5CM 'DNA linking' n "5-METHYL-2'-DEOXY-CYTIDINE-5'-MONOPHOSPHATE" ? 'C10 H16 N3 O7 P' 321.224 
DC  'DNA linking' y "2'-DEOXYCYTIDINE-5'-MONOPHOSPHATE"           ? 'C9 H14 N3 O7 P'  307.197 
DG  'DNA linking' y "2'-DEOXYGUANOSINE-5'-MONOPHOSPHATE"          ? 'C10 H14 N5 O7 P' 347.221 
HOH non-polymer   . WATER                                         ? 'H2 O'            18.015  
# 
loop_
_pdbx_poly_seq_scheme.asym_id 
_pdbx_poly_seq_scheme.entity_id 
_pdbx_poly_seq_scheme.seq_id 
_pdbx_poly_seq_scheme.mon_id 
_pdbx_poly_seq_scheme.ndb_seq_num 
_pdbx_poly_seq_scheme.pdb_seq_num 
_pdbx_poly_seq_scheme.auth_seq_num 
_pdbx_poly_seq_scheme.pdb_mon_id 
_pdbx_poly_seq_scheme.auth_mon_id 
_pdbx_poly_seq_scheme.pdb_strand_id 
_pdbx_poly_seq_scheme.pdb_ins_code 
_pdbx_poly_seq_scheme.hetero 
A 1 1 DG  1 1 1 DG  G  A . n 
A 1 2 5CM 2 2 2 5CM +C A . n 
A 1 3 DG  3 3 3 DG  G  A . n 
A 1 4 5CM 4 4 4 5CM +C A . n 
A 1 5 DG  5 5 5 DG  G  A . n 
A 1 6 5CM 6 6 6 5CM +C A . n 
A 1 7 DG  7 7 7 DG  G  A . n 
A 1 8 DC  8 8 8 DC  C  A . n 
# 
loop_
_pdbx_nonpoly_scheme.asym_id 
_pdbx_nonpoly_scheme.entity_id 
_pdbx_nonpoly_scheme.mon_id 
_pdbx_nonpoly_scheme.ndb_seq_num 
_pdbx_nonpoly_scheme.pdb_seq_num 
_pdbx_nonpoly_scheme.auth_seq_num 
_pdbx_nonpoly_scheme.pdb_mon_id 
_pdbx_nonpoly_scheme.auth_mon_id 
_pdbx_nonpoly_scheme.pdb_strand_id 
_pdbx_nonpoly_scheme.pdb_ins_code 
B 2 HOH 1  9  9  HOH HOH A . 
B 2 HOH 2  10 10 HOH HOH A . 
B 2 HOH 3  11 11 HOH HOH A . 
B 2 HOH 4  12 12 HOH HOH A . 
B 2 HOH 5  13 13 HOH HOH A . 
B 2 HOH 6  14 14 HOH HOH A . 
B 2 HOH 7  15 15 HOH HOH A . 
B 2 HOH 8  16 16 HOH HOH A . 
B 2 HOH 9  17 17 HOH HOH A . 
B 2 HOH 10 18 18 HOH HOH A . 
B 2 HOH 11 19 19 HOH HOH A . 
B 2 HOH 12 20 20 HOH HOH A . 
B 2 HOH 13 21 21 HOH HOH A . 
B 2 HOH 14 22 22 HOH HOH A . 
B 2 HOH 15 23 23 HOH HOH A . 
B 2 HOH 16 24 24 HOH HOH A . 
B 2 HOH 17 25 25 HOH HOH A . 
B 2 HOH 18 26 26 HOH HOH A . 
# 
loop_
_software.name 
_software.classification 
_software.version 
_software.citation_id 
_software.pdbx_ordinal 
XTALVIEW refinement       .   ? 1 
X-PLOR   'model building' .   ? 2 
X-PLOR   refinement       3.1 ? 3 
SAINT    'data reduction' .   ? 4 
SAINT    'data scaling'   .   ? 5 
X-PLOR   phasing          .   ? 6 
# 
_cell.entry_id           346D 
_cell.length_a           43.480 
_cell.length_b           43.480 
_cell.length_c           25.000 
_cell.angle_alpha        90.00 
_cell.angle_beta         90.00 
_cell.angle_gamma        90.00 
_cell.Z_PDB              8 
_cell.pdbx_unique_axis   ? 
# 
_symmetry.entry_id                         346D 
_symmetry.space_group_name_H-M             'P 43 21 2' 
_symmetry.pdbx_full_space_group_name_H-M   ? 
_symmetry.cell_setting                     ? 
_symmetry.Int_Tables_number                96 
# 
_exptl.entry_id          346D 
_exptl.method            'X-RAY DIFFRACTION' 
_exptl.crystals_number   1 
# 
_exptl_crystal.id                    1 
_exptl_crystal.density_meas          ? 
_exptl_crystal.density_Matthews      2.39 
_exptl_crystal.density_percent_sol   48.56 
_exptl_crystal.description           ? 
# 
_exptl_crystal_grow.crystal_id      1 
_exptl_crystal_grow.method          'VAPOR DIFFUSION' 
_exptl_crystal_grow.temp            ? 
_exptl_crystal_grow.temp_details    ? 
_exptl_crystal_grow.pH              7.00 
_exptl_crystal_grow.pdbx_details    'pH 7.00, VAPOR DIFFUSION' 
_exptl_crystal_grow.pdbx_pH_range   ? 
# 
_exptl_crystal_grow_comp.crystal_id   1 
_exptl_crystal_grow_comp.id           1 
_exptl_crystal_grow_comp.sol_id       1 
_exptl_crystal_grow_comp.name         WATER 
_exptl_crystal_grow_comp.volume       ? 
_exptl_crystal_grow_comp.conc         ? 
_exptl_crystal_grow_comp.details      ? 
# 
_diffrn.id                     1 
_diffrn.ambient_temp           298.00 
_diffrn.ambient_temp_details   ? 
_diffrn.crystal_id             1 
# 
_diffrn_detector.diffrn_id              1 
_diffrn_detector.detector               'AREA DETECTOR' 
_diffrn_detector.type                   'SIEMENS HI-STAR' 
_diffrn_detector.pdbx_collection_date   1996-06-25 
_diffrn_detector.details                ? 
# 
_diffrn_radiation.diffrn_id                        1 
_diffrn_radiation.wavelength_id                    1 
_diffrn_radiation.pdbx_monochromatic_or_laue_m_l   M 
_diffrn_radiation.monochromator                    ? 
_diffrn_radiation.pdbx_diffrn_protocol             ? 
_diffrn_radiation.pdbx_scattering_type             x-ray 
# 
_diffrn_radiation_wavelength.id           1 
_diffrn_radiation_wavelength.wavelength   . 
_diffrn_radiation_wavelength.wt           1.0 
# 
_diffrn_source.diffrn_id                   1 
_diffrn_source.source                      ? 
_diffrn_source.type                        ? 
_diffrn_source.pdbx_synchrotron_site       ? 
_diffrn_source.pdbx_synchrotron_beamline   ? 
_diffrn_source.pdbx_wavelength             ? 
_diffrn_source.pdbx_wavelength_list        ? 
# 
_reflns.entry_id                     346D 
_reflns.observed_criterion_sigma_I   2.000 
_reflns.observed_criterion_sigma_F   ? 
_reflns.d_resolution_low             12.100 
_reflns.d_resolution_high            1.850 
_reflns.number_obs                   2153 
_reflns.number_all                   ? 
_reflns.percent_possible_obs         76.970 
_reflns.pdbx_Rmerge_I_obs            0.048 
_reflns.pdbx_Rsym_value              ? 
_reflns.pdbx_netI_over_sigmaI        ? 
_reflns.B_iso_Wilson_estimate        ? 
_reflns.pdbx_redundancy              2.500 
_reflns.pdbx_diffrn_id               1 
_reflns.pdbx_ordinal                 1 
# 
_refine.entry_id                                 346D 
_refine.ls_number_reflns_obs                     1371 
_refine.ls_number_reflns_all                     ? 
_refine.pdbx_ls_sigma_I                          ? 
_refine.pdbx_ls_sigma_F                          3.000 
_refine.pdbx_data_cutoff_high_absF               ? 
_refine.pdbx_data_cutoff_low_absF                ? 
_refine.pdbx_data_cutoff_high_rms_absF           ? 
_refine.ls_d_res_low                             8.000 
_refine.ls_d_res_high                            2.100 
_refine.ls_percent_reflns_obs                    ? 
_refine.ls_R_factor_obs                          0.204 
_refine.ls_R_factor_all                          ? 
_refine.ls_R_factor_R_work                       0.204 
_refine.ls_R_factor_R_free                       ? 
_refine.ls_R_factor_R_free_error                 ? 
_refine.ls_R_factor_R_free_error_details         ? 
_refine.ls_percent_reflns_R_free                 ? 
_refine.ls_number_reflns_R_free                  ? 
_refine.ls_number_parameters                     ? 
_refine.ls_number_restraints                     ? 
_refine.occupancy_min                            ? 
_refine.occupancy_max                            ? 
_refine.B_iso_mean                               21.41 
_refine.aniso_B[1][1]                            ? 
_refine.aniso_B[2][2]                            ? 
_refine.aniso_B[3][3]                            ? 
_refine.aniso_B[1][2]                            ? 
_refine.aniso_B[1][3]                            ? 
_refine.aniso_B[2][3]                            ? 
_refine.solvent_model_details                    ? 
_refine.solvent_model_param_ksol                 ? 
_refine.solvent_model_param_bsol                 ? 
_refine.pdbx_ls_cross_valid_method               ? 
_refine.details                                  ? 
_refine.pdbx_starting_model                      ? 
_refine.pdbx_method_to_determine_struct          'MOLECULAR REPLACEMENT' 
_refine.pdbx_isotropic_thermal_model             ? 
_refine.pdbx_stereochemistry_target_values       ? 
_refine.pdbx_stereochem_target_val_spec_case     ? 
_refine.pdbx_R_Free_selection_details            ? 
_refine.pdbx_overall_ESU_R                       ? 
_refine.pdbx_overall_ESU_R_Free                  ? 
_refine.overall_SU_ML                            ? 
_refine.overall_SU_B                             ? 
_refine.pdbx_refine_id                           'X-RAY DIFFRACTION' 
_refine.pdbx_diffrn_id                           1 
_refine.pdbx_TLS_residual_ADP_flag               ? 
_refine.correlation_coeff_Fo_to_Fc               ? 
_refine.correlation_coeff_Fo_to_Fc_free          ? 
_refine.pdbx_solvent_vdw_probe_radii             ? 
_refine.pdbx_solvent_ion_probe_radii             ? 
_refine.pdbx_solvent_shrinkage_radii             ? 
_refine.pdbx_overall_phase_error                 ? 
_refine.overall_SU_R_Cruickshank_DPI             ? 
_refine.pdbx_overall_SU_R_free_Cruickshank_DPI   ? 
_refine.pdbx_overall_SU_R_Blow_DPI               ? 
_refine.pdbx_overall_SU_R_free_Blow_DPI          ? 
# 
_refine_hist.pdbx_refine_id                   'X-RAY DIFFRACTION' 
_refine_hist.cycle_id                         LAST 
_refine_hist.pdbx_number_atoms_protein        0 
_refine_hist.pdbx_number_atoms_nucleic_acid   161 
_refine_hist.pdbx_number_atoms_ligand         3 
_refine_hist.number_atoms_solvent             18 
_refine_hist.number_atoms_total               182 
_refine_hist.d_res_high                       2.100 
_refine_hist.d_res_low                        8.000 
# 
loop_
_refine_ls_restr.type 
_refine_ls_restr.dev_ideal 
_refine_ls_restr.dev_ideal_target 
_refine_ls_restr.weight 
_refine_ls_restr.number 
_refine_ls_restr.pdbx_refine_id 
_refine_ls_restr.pdbx_restraint_function 
x_bond_d                0.015 ? ? ? 'X-RAY DIFFRACTION' ? 
x_bond_d_na             ?     ? ? ? 'X-RAY DIFFRACTION' ? 
x_bond_d_prot           ?     ? ? ? 'X-RAY DIFFRACTION' ? 
x_angle_d               ?     ? ? ? 'X-RAY DIFFRACTION' ? 
x_angle_d_na            ?     ? ? ? 'X-RAY DIFFRACTION' ? 
x_angle_d_prot          ?     ? ? ? 'X-RAY DIFFRACTION' ? 
x_angle_deg             1.48  ? ? ? 'X-RAY DIFFRACTION' ? 
x_angle_deg_na          ?     ? ? ? 'X-RAY DIFFRACTION' ? 
x_angle_deg_prot        ?     ? ? ? 'X-RAY DIFFRACTION' ? 
x_dihedral_angle_d      ?     ? ? ? 'X-RAY DIFFRACTION' ? 
x_dihedral_angle_d_na   ?     ? ? ? 'X-RAY DIFFRACTION' ? 
x_dihedral_angle_d_prot ?     ? ? ? 'X-RAY DIFFRACTION' ? 
x_improper_angle_d      ?     ? ? ? 'X-RAY DIFFRACTION' ? 
x_improper_angle_d_na   ?     ? ? ? 'X-RAY DIFFRACTION' ? 
x_improper_angle_d_prot ?     ? ? ? 'X-RAY DIFFRACTION' ? 
x_mcbond_it             ?     ? ? ? 'X-RAY DIFFRACTION' ? 
x_mcangle_it            ?     ? ? ? 'X-RAY DIFFRACTION' ? 
x_scbond_it             ?     ? ? ? 'X-RAY DIFFRACTION' ? 
x_scangle_it            ?     ? ? ? 'X-RAY DIFFRACTION' ? 
# 
_pdbx_xplor_file.serial_no        1 
_pdbx_xplor_file.param_file       PAR.DNA 
_pdbx_xplor_file.topol_file       TOP.DNA 
_pdbx_xplor_file.pdbx_refine_id   'X-RAY DIFFRACTION' 
# 
_struct.entry_id                  346D 
_struct.title                     'STRUCTURAL PARAMETERS FROM SINGLE-CRYSTAL STRUCTURES FOR ACCURATE MODELS OF A-DNA' 
_struct.pdbx_model_details        ? 
_struct.pdbx_CASP_flag            ? 
_struct.pdbx_model_type_details   ? 
# 
_struct_keywords.entry_id        346D 
_struct_keywords.pdbx_keywords   DNA 
_struct_keywords.text            'A-DNA, DOUBLE HELIX, MODIFIED, DNA' 
# 
loop_
_struct_asym.id 
_struct_asym.pdbx_blank_PDB_chainid_flag 
_struct_asym.pdbx_modified 
_struct_asym.entity_id 
_struct_asym.details 
A N N 1 ? 
B N N 2 ? 
# 
_struct_ref.id                         1 
_struct_ref.entity_id                  1 
_struct_ref.db_name                    PDB 
_struct_ref.db_code                    346D 
_struct_ref.pdbx_db_accession          346D 
_struct_ref.pdbx_db_isoform            ? 
_struct_ref.pdbx_seq_one_letter_code   ? 
_struct_ref.pdbx_align_begin           ? 
# 
_struct_ref_seq.align_id                      1 
_struct_ref_seq.ref_id                        1 
_struct_ref_seq.pdbx_PDB_id_code              346D 
_struct_ref_seq.pdbx_strand_id                A 
_struct_ref_seq.seq_align_beg                 1 
_struct_ref_seq.pdbx_seq_align_beg_ins_code   ? 
_struct_ref_seq.seq_align_end                 8 
_struct_ref_seq.pdbx_seq_align_end_ins_code   ? 
_struct_ref_seq.pdbx_db_accession             346D 
_struct_ref_seq.db_align_beg                  1 
_struct_ref_seq.pdbx_db_align_beg_ins_code    ? 
_struct_ref_seq.db_align_end                  8 
_struct_ref_seq.pdbx_db_align_end_ins_code    ? 
_struct_ref_seq.pdbx_auth_seq_align_beg       1 
_struct_ref_seq.pdbx_auth_seq_align_end       8 
# 
_pdbx_struct_assembly.id                   1 
_pdbx_struct_assembly.details              author_defined_assembly 
_pdbx_struct_assembly.method_details       ? 
_pdbx_struct_assembly.oligomeric_details   dimeric 
_pdbx_struct_assembly.oligomeric_count     2 
# 
_pdbx_struct_assembly_gen.assembly_id       1 
_pdbx_struct_assembly_gen.oper_expression   1,2 
_pdbx_struct_assembly_gen.asym_id_list      A,B 
# 
loop_
_pdbx_struct_oper_list.id 
_pdbx_struct_oper_list.type 
_pdbx_struct_oper_list.name 
_pdbx_struct_oper_list.symmetry_operation 
_pdbx_struct_oper_list.matrix[1][1] 
_pdbx_struct_oper_list.matrix[1][2] 
_pdbx_struct_oper_list.matrix[1][3] 
_pdbx_struct_oper_list.vector[1] 
_pdbx_struct_oper_list.matrix[2][1] 
_pdbx_struct_oper_list.matrix[2][2] 
_pdbx_struct_oper_list.matrix[2][3] 
_pdbx_struct_oper_list.vector[2] 
_pdbx_struct_oper_list.matrix[3][1] 
_pdbx_struct_oper_list.matrix[3][2] 
_pdbx_struct_oper_list.matrix[3][3] 
_pdbx_struct_oper_list.vector[3] 
1 'identity operation'         1_555 x,y,z    1.0000000000  0.0000000000  0.0000000000  0.0000000000 0.0000000000  1.0000000000 0.0000000000 0.0000000000 0.0000000000  0.0000000000 1.0000000000  0.0000000000  
2 'crystal symmetry operation' 7_556 y,x,-z+1 -0.9553763436 -0.2790199513 -0.0969737532 3.5136947113 -0.2790199513 0.7446381485 0.6063512964 1.3530803056 -0.0969737532 0.6063512964 -0.7892618048 -2.2763117684 
# 
_struct_biol.id   1 
# 
loop_
_struct_conn.id 
_struct_conn.conn_type_id 
_struct_conn.pdbx_leaving_atom_flag 
_struct_conn.pdbx_PDB_id 
_struct_conn.ptnr1_label_asym_id 
_struct_conn.ptnr1_label_comp_id 
_struct_conn.ptnr1_label_seq_id 
_struct_conn.ptnr1_label_atom_id 
_struct_conn.pdbx_ptnr1_label_alt_id 
_struct_conn.pdbx_ptnr1_PDB_ins_code 
_struct_conn.pdbx_ptnr1_standard_comp_id 
_struct_conn.ptnr1_symmetry 
_struct_conn.ptnr2_label_asym_id 
_struct_conn.ptnr2_label_comp_id 
_struct_conn.ptnr2_label_seq_id 
_struct_conn.ptnr2_label_atom_id 
_struct_conn.pdbx_ptnr2_label_alt_id 
_struct_conn.pdbx_ptnr2_PDB_ins_code 
_struct_conn.ptnr1_auth_asym_id 
_struct_conn.ptnr1_auth_comp_id 
_struct_conn.ptnr1_auth_seq_id 
_struct_conn.ptnr2_auth_asym_id 
_struct_conn.ptnr2_auth_comp_id 
_struct_conn.ptnr2_auth_seq_id 
_struct_conn.ptnr2_symmetry 
_struct_conn.pdbx_ptnr3_label_atom_id 
_struct_conn.pdbx_ptnr3_label_seq_id 
_struct_conn.pdbx_ptnr3_label_comp_id 
_struct_conn.pdbx_ptnr3_label_asym_id 
_struct_conn.pdbx_ptnr3_label_alt_id 
_struct_conn.pdbx_ptnr3_PDB_ins_code 
_struct_conn.details 
_struct_conn.pdbx_dist_value 
_struct_conn.pdbx_value_order 
_struct_conn.pdbx_role 
covale1  covale both ? A DG  1 "O3'" ? ? ? 1_555 A 5CM 2 P  ? ? A DG  1 A 5CM 2 1_555 ? ? ? ? ? ? ?            1.593 ? ? 
covale2  covale both ? A 5CM 2 "O3'" ? ? ? 1_555 A DG  3 P  ? ? A 5CM 2 A DG  3 1_555 ? ? ? ? ? ? ?            1.605 ? ? 
covale3  covale both ? A DG  3 "O3'" ? ? ? 1_555 A 5CM 4 P  ? ? A DG  3 A 5CM 4 1_555 ? ? ? ? ? ? ?            1.607 ? ? 
covale4  covale both ? A 5CM 4 "O3'" ? ? ? 1_555 A DG  5 P  ? ? A 5CM 4 A DG  5 1_555 ? ? ? ? ? ? ?            1.598 ? ? 
covale5  covale both ? A DG  5 "O3'" ? ? ? 1_555 A 5CM 6 P  ? ? A DG  5 A 5CM 6 1_555 ? ? ? ? ? ? ?            1.603 ? ? 
covale6  covale both ? A 5CM 6 "O3'" ? ? ? 1_555 A DG  7 P  ? ? A 5CM 6 A DG  7 1_555 ? ? ? ? ? ? ?            1.607 ? ? 
hydrog1  hydrog ?    ? A DG  1 N1    ? ? ? 1_555 A DC  8 N3 ? ? A DG  1 A DC  8 7_556 ? ? ? ? ? ? WATSON-CRICK ?     ? ? 
hydrog2  hydrog ?    ? A DG  1 N2    ? ? ? 1_555 A DC  8 O2 ? ? A DG  1 A DC  8 7_556 ? ? ? ? ? ? WATSON-CRICK ?     ? ? 
hydrog3  hydrog ?    ? A DG  1 O6    ? ? ? 1_555 A DC  8 N4 ? ? A DG  1 A DC  8 7_556 ? ? ? ? ? ? WATSON-CRICK ?     ? ? 
hydrog4  hydrog ?    ? A 5CM 2 N3    ? ? ? 1_555 A DG  7 N1 ? ? A 5CM 2 A DG  7 7_556 ? ? ? ? ? ? WATSON-CRICK ?     ? ? 
hydrog5  hydrog ?    ? A 5CM 2 N4    ? ? ? 1_555 A DG  7 O6 ? ? A 5CM 2 A DG  7 7_556 ? ? ? ? ? ? WATSON-CRICK ?     ? ? 
hydrog6  hydrog ?    ? A 5CM 2 O2    ? ? ? 1_555 A DG  7 N2 ? ? A 5CM 2 A DG  7 7_556 ? ? ? ? ? ? WATSON-CRICK ?     ? ? 
hydrog7  hydrog ?    ? A DG  3 N1    ? ? ? 1_555 A 5CM 6 N3 ? ? A DG  3 A 5CM 6 7_556 ? ? ? ? ? ? WATSON-CRICK ?     ? ? 
hydrog8  hydrog ?    ? A DG  3 N2    ? ? ? 1_555 A 5CM 6 O2 ? ? A DG  3 A 5CM 6 7_556 ? ? ? ? ? ? WATSON-CRICK ?     ? ? 
hydrog9  hydrog ?    ? A DG  3 O6    ? ? ? 1_555 A 5CM 6 N4 ? ? A DG  3 A 5CM 6 7_556 ? ? ? ? ? ? WATSON-CRICK ?     ? ? 
hydrog10 hydrog ?    ? A 5CM 4 N3    ? ? ? 1_555 A DG  5 N1 ? ? A 5CM 4 A DG  5 7_556 ? ? ? ? ? ? WATSON-CRICK ?     ? ? 
hydrog11 hydrog ?    ? A 5CM 4 N4    ? ? ? 1_555 A DG  5 O6 ? ? A 5CM 4 A DG  5 7_556 ? ? ? ? ? ? WATSON-CRICK ?     ? ? 
hydrog12 hydrog ?    ? A 5CM 4 O2    ? ? ? 1_555 A DG  5 N2 ? ? A 5CM 4 A DG  5 7_556 ? ? ? ? ? ? WATSON-CRICK ?     ? ? 
hydrog13 hydrog ?    ? A DG  5 N1    ? ? ? 1_555 A 5CM 4 N3 ? ? A DG  5 A 5CM 4 7_556 ? ? ? ? ? ? WATSON-CRICK ?     ? ? 
hydrog14 hydrog ?    ? A DG  5 N2    ? ? ? 1_555 A 5CM 4 O2 ? ? A DG  5 A 5CM 4 7_556 ? ? ? ? ? ? WATSON-CRICK ?     ? ? 
hydrog15 hydrog ?    ? A DG  5 O6    ? ? ? 1_555 A 5CM 4 N4 ? ? A DG  5 A 5CM 4 7_556 ? ? ? ? ? ? WATSON-CRICK ?     ? ? 
hydrog16 hydrog ?    ? A 5CM 6 N3    ? ? ? 1_555 A DG  3 N1 ? ? A 5CM 6 A DG  3 7_556 ? ? ? ? ? ? WATSON-CRICK ?     ? ? 
hydrog17 hydrog ?    ? A 5CM 6 N4    ? ? ? 1_555 A DG  3 O6 ? ? A 5CM 6 A DG  3 7_556 ? ? ? ? ? ? WATSON-CRICK ?     ? ? 
hydrog18 hydrog ?    ? A 5CM 6 O2    ? ? ? 1_555 A DG  3 N2 ? ? A 5CM 6 A DG  3 7_556 ? ? ? ? ? ? WATSON-CRICK ?     ? ? 
hydrog19 hydrog ?    ? A DG  7 N1    ? ? ? 1_555 A 5CM 2 N3 ? ? A DG  7 A 5CM 2 7_556 ? ? ? ? ? ? WATSON-CRICK ?     ? ? 
hydrog20 hydrog ?    ? A DG  7 N2    ? ? ? 1_555 A 5CM 2 O2 ? ? A DG  7 A 5CM 2 7_556 ? ? ? ? ? ? WATSON-CRICK ?     ? ? 
hydrog21 hydrog ?    ? A DG  7 O6    ? ? ? 1_555 A 5CM 2 N4 ? ? A DG  7 A 5CM 2 7_556 ? ? ? ? ? ? WATSON-CRICK ?     ? ? 
hydrog22 hydrog ?    ? A DC  8 N3    ? ? ? 1_555 A DG  1 N1 ? ? A DC  8 A DG  1 7_556 ? ? ? ? ? ? WATSON-CRICK ?     ? ? 
hydrog23 hydrog ?    ? A DC  8 N4    ? ? ? 1_555 A DG  1 O6 ? ? A DC  8 A DG  1 7_556 ? ? ? ? ? ? WATSON-CRICK ?     ? ? 
hydrog24 hydrog ?    ? A DC  8 O2    ? ? ? 1_555 A DG  1 N2 ? ? A DC  8 A DG  1 7_556 ? ? ? ? ? ? WATSON-CRICK ?     ? ? 
# 
loop_
_struct_conn_type.id 
_struct_conn_type.criteria 
_struct_conn_type.reference 
covale ? ? 
hydrog ? ? 
# 
loop_
_pdbx_struct_mod_residue.id 
_pdbx_struct_mod_residue.label_asym_id 
_pdbx_struct_mod_residue.label_comp_id 
_pdbx_struct_mod_residue.label_seq_id 
_pdbx_struct_mod_residue.auth_asym_id 
_pdbx_struct_mod_residue.auth_comp_id 
_pdbx_struct_mod_residue.auth_seq_id 
_pdbx_struct_mod_residue.PDB_ins_code 
_pdbx_struct_mod_residue.parent_comp_id 
_pdbx_struct_mod_residue.details 
1 A 5CM 2 A 5CM 2 ? DC ? 
2 A 5CM 4 A 5CM 4 ? DC ? 
3 A 5CM 6 A 5CM 6 ? DC ? 
# 
loop_
_pdbx_struct_special_symmetry.id 
_pdbx_struct_special_symmetry.PDB_model_num 
_pdbx_struct_special_symmetry.auth_asym_id 
_pdbx_struct_special_symmetry.auth_comp_id 
_pdbx_struct_special_symmetry.auth_seq_id 
_pdbx_struct_special_symmetry.PDB_ins_code 
_pdbx_struct_special_symmetry.label_asym_id 
_pdbx_struct_special_symmetry.label_comp_id 
_pdbx_struct_special_symmetry.label_seq_id 
1 1 A HOH 15 ? B HOH . 
2 1 A HOH 16 ? B HOH . 
# 
loop_
_chem_comp_atom.comp_id 
_chem_comp_atom.atom_id 
_chem_comp_atom.type_symbol 
_chem_comp_atom.pdbx_aromatic_flag 
_chem_comp_atom.pdbx_stereo_config 
_chem_comp_atom.pdbx_ordinal 
5CM N1     N N N 1   
5CM C2     C N N 2   
5CM N3     N N N 3   
5CM C4     C N N 4   
5CM C5     C N N 5   
5CM C5A    C N N 6   
5CM C6     C N N 7   
5CM O2     O N N 8   
5CM N4     N N N 9   
5CM "C1'"  C N R 10  
5CM "C2'"  C N N 11  
5CM "C3'"  C N S 12  
5CM "C4'"  C N R 13  
5CM "O4'"  O N N 14  
5CM "O3'"  O N N 15  
5CM "C5'"  C N N 16  
5CM "O5'"  O N N 17  
5CM P      P N N 18  
5CM OP1    O N N 19  
5CM OP2    O N N 20  
5CM OP3    O N N 21  
5CM H5A1   H N N 22  
5CM H5A2   H N N 23  
5CM H5A3   H N N 24  
5CM H6     H N N 25  
5CM HN41   H N N 26  
5CM HN42   H N N 27  
5CM "H1'"  H N N 28  
5CM "H2'"  H N N 29  
5CM "H2''" H N N 30  
5CM "H3'"  H N N 31  
5CM "H4'"  H N N 32  
5CM "HO3'" H N N 33  
5CM "H5'"  H N N 34  
5CM "H5''" H N N 35  
5CM HOP2   H N N 36  
5CM HOP3   H N N 37  
DC  OP3    O N N 38  
DC  P      P N N 39  
DC  OP1    O N N 40  
DC  OP2    O N N 41  
DC  "O5'"  O N N 42  
DC  "C5'"  C N N 43  
DC  "C4'"  C N R 44  
DC  "O4'"  O N N 45  
DC  "C3'"  C N S 46  
DC  "O3'"  O N N 47  
DC  "C2'"  C N N 48  
DC  "C1'"  C N R 49  
DC  N1     N N N 50  
DC  C2     C N N 51  
DC  O2     O N N 52  
DC  N3     N N N 53  
DC  C4     C N N 54  
DC  N4     N N N 55  
DC  C5     C N N 56  
DC  C6     C N N 57  
DC  HOP3   H N N 58  
DC  HOP2   H N N 59  
DC  "H5'"  H N N 60  
DC  "H5''" H N N 61  
DC  "H4'"  H N N 62  
DC  "H3'"  H N N 63  
DC  "HO3'" H N N 64  
DC  "H2'"  H N N 65  
DC  "H2''" H N N 66  
DC  "H1'"  H N N 67  
DC  H41    H N N 68  
DC  H42    H N N 69  
DC  H5     H N N 70  
DC  H6     H N N 71  
DG  OP3    O N N 72  
DG  P      P N N 73  
DG  OP1    O N N 74  
DG  OP2    O N N 75  
DG  "O5'"  O N N 76  
DG  "C5'"  C N N 77  
DG  "C4'"  C N R 78  
DG  "O4'"  O N N 79  
DG  "C3'"  C N S 80  
DG  "O3'"  O N N 81  
DG  "C2'"  C N N 82  
DG  "C1'"  C N R 83  
DG  N9     N Y N 84  
DG  C8     C Y N 85  
DG  N7     N Y N 86  
DG  C5     C Y N 87  
DG  C6     C N N 88  
DG  O6     O N N 89  
DG  N1     N N N 90  
DG  C2     C N N 91  
DG  N2     N N N 92  
DG  N3     N N N 93  
DG  C4     C Y N 94  
DG  HOP3   H N N 95  
DG  HOP2   H N N 96  
DG  "H5'"  H N N 97  
DG  "H5''" H N N 98  
DG  "H4'"  H N N 99  
DG  "H3'"  H N N 100 
DG  "HO3'" H N N 101 
DG  "H2'"  H N N 102 
DG  "H2''" H N N 103 
DG  "H1'"  H N N 104 
DG  H8     H N N 105 
DG  H1     H N N 106 
DG  H21    H N N 107 
DG  H22    H N N 108 
HOH O      O N N 109 
HOH H1     H N N 110 
HOH H2     H N N 111 
# 
loop_
_chem_comp_bond.comp_id 
_chem_comp_bond.atom_id_1 
_chem_comp_bond.atom_id_2 
_chem_comp_bond.value_order 
_chem_comp_bond.pdbx_aromatic_flag 
_chem_comp_bond.pdbx_stereo_config 
_chem_comp_bond.pdbx_ordinal 
5CM N1    C2     sing N N 1   
5CM N1    C6     sing N N 2   
5CM N1    "C1'"  sing N N 3   
5CM C2    N3     sing N N 4   
5CM C2    O2     doub N N 5   
5CM N3    C4     doub N N 6   
5CM C4    C5     sing N N 7   
5CM C4    N4     sing N N 8   
5CM C5    C5A    sing N N 9   
5CM C5    C6     doub N N 10  
5CM C5A   H5A1   sing N N 11  
5CM C5A   H5A2   sing N N 12  
5CM C5A   H5A3   sing N N 13  
5CM C6    H6     sing N N 14  
5CM N4    HN41   sing N N 15  
5CM N4    HN42   sing N N 16  
5CM "C1'" "C2'"  sing N N 17  
5CM "C1'" "O4'"  sing N N 18  
5CM "C1'" "H1'"  sing N N 19  
5CM "C2'" "C3'"  sing N N 20  
5CM "C2'" "H2'"  sing N N 21  
5CM "C2'" "H2''" sing N N 22  
5CM "C3'" "C4'"  sing N N 23  
5CM "C3'" "O3'"  sing N N 24  
5CM "C3'" "H3'"  sing N N 25  
5CM "C4'" "O4'"  sing N N 26  
5CM "C4'" "C5'"  sing N N 27  
5CM "C4'" "H4'"  sing N N 28  
5CM "O3'" "HO3'" sing N N 29  
5CM "C5'" "O5'"  sing N N 30  
5CM "C5'" "H5'"  sing N N 31  
5CM "C5'" "H5''" sing N N 32  
5CM "O5'" P      sing N N 33  
5CM P     OP1    doub N N 34  
5CM P     OP2    sing N N 35  
5CM P     OP3    sing N N 36  
5CM OP2   HOP2   sing N N 37  
5CM OP3   HOP3   sing N N 38  
DC  OP3   P      sing N N 39  
DC  OP3   HOP3   sing N N 40  
DC  P     OP1    doub N N 41  
DC  P     OP2    sing N N 42  
DC  P     "O5'"  sing N N 43  
DC  OP2   HOP2   sing N N 44  
DC  "O5'" "C5'"  sing N N 45  
DC  "C5'" "C4'"  sing N N 46  
DC  "C5'" "H5'"  sing N N 47  
DC  "C5'" "H5''" sing N N 48  
DC  "C4'" "O4'"  sing N N 49  
DC  "C4'" "C3'"  sing N N 50  
DC  "C4'" "H4'"  sing N N 51  
DC  "O4'" "C1'"  sing N N 52  
DC  "C3'" "O3'"  sing N N 53  
DC  "C3'" "C2'"  sing N N 54  
DC  "C3'" "H3'"  sing N N 55  
DC  "O3'" "HO3'" sing N N 56  
DC  "C2'" "C1'"  sing N N 57  
DC  "C2'" "H2'"  sing N N 58  
DC  "C2'" "H2''" sing N N 59  
DC  "C1'" N1     sing N N 60  
DC  "C1'" "H1'"  sing N N 61  
DC  N1    C2     sing N N 62  
DC  N1    C6     sing N N 63  
DC  C2    O2     doub N N 64  
DC  C2    N3     sing N N 65  
DC  N3    C4     doub N N 66  
DC  C4    N4     sing N N 67  
DC  C4    C5     sing N N 68  
DC  N4    H41    sing N N 69  
DC  N4    H42    sing N N 70  
DC  C5    C6     doub N N 71  
DC  C5    H5     sing N N 72  
DC  C6    H6     sing N N 73  
DG  OP3   P      sing N N 74  
DG  OP3   HOP3   sing N N 75  
DG  P     OP1    doub N N 76  
DG  P     OP2    sing N N 77  
DG  P     "O5'"  sing N N 78  
DG  OP2   HOP2   sing N N 79  
DG  "O5'" "C5'"  sing N N 80  
DG  "C5'" "C4'"  sing N N 81  
DG  "C5'" "H5'"  sing N N 82  
DG  "C5'" "H5''" sing N N 83  
DG  "C4'" "O4'"  sing N N 84  
DG  "C4'" "C3'"  sing N N 85  
DG  "C4'" "H4'"  sing N N 86  
DG  "O4'" "C1'"  sing N N 87  
DG  "C3'" "O3'"  sing N N 88  
DG  "C3'" "C2'"  sing N N 89  
DG  "C3'" "H3'"  sing N N 90  
DG  "O3'" "HO3'" sing N N 91  
DG  "C2'" "C1'"  sing N N 92  
DG  "C2'" "H2'"  sing N N 93  
DG  "C2'" "H2''" sing N N 94  
DG  "C1'" N9     sing N N 95  
DG  "C1'" "H1'"  sing N N 96  
DG  N9    C8     sing Y N 97  
DG  N9    C4     sing Y N 98  
DG  C8    N7     doub Y N 99  
DG  C8    H8     sing N N 100 
DG  N7    C5     sing Y N 101 
DG  C5    C6     sing N N 102 
DG  C5    C4     doub Y N 103 
DG  C6    O6     doub N N 104 
DG  C6    N1     sing N N 105 
DG  N1    C2     sing N N 106 
DG  N1    H1     sing N N 107 
DG  C2    N2     sing N N 108 
DG  C2    N3     doub N N 109 
DG  N2    H21    sing N N 110 
DG  N2    H22    sing N N 111 
DG  N3    C4     sing N N 112 
HOH O     H1     sing N N 113 
HOH O     H2     sing N N 114 
# 
_ndb_struct_conf_na.entry_id   346D 
_ndb_struct_conf_na.feature    'a-form double helix' 
# 
loop_
_ndb_struct_na_base_pair.model_number 
_ndb_struct_na_base_pair.i_label_asym_id 
_ndb_struct_na_base_pair.i_label_comp_id 
_ndb_struct_na_base_pair.i_label_seq_id 
_ndb_struct_na_base_pair.i_symmetry 
_ndb_struct_na_base_pair.j_label_asym_id 
_ndb_struct_na_base_pair.j_label_comp_id 
_ndb_struct_na_base_pair.j_label_seq_id 
_ndb_struct_na_base_pair.j_symmetry 
_ndb_struct_na_base_pair.shear 
_ndb_struct_na_base_pair.stretch 
_ndb_struct_na_base_pair.stagger 
_ndb_struct_na_base_pair.buckle 
_ndb_struct_na_base_pair.propeller 
_ndb_struct_na_base_pair.opening 
_ndb_struct_na_base_pair.pair_number 
_ndb_struct_na_base_pair.pair_name 
_ndb_struct_na_base_pair.i_auth_asym_id 
_ndb_struct_na_base_pair.i_auth_seq_id 
_ndb_struct_na_base_pair.i_PDB_ins_code 
_ndb_struct_na_base_pair.j_auth_asym_id 
_ndb_struct_na_base_pair.j_auth_seq_id 
_ndb_struct_na_base_pair.j_PDB_ins_code 
_ndb_struct_na_base_pair.hbond_type_28 
_ndb_struct_na_base_pair.hbond_type_12 
1 A DG  1 1_555 A DC  8 7_556 -0.521 0.030  -0.010 -5.450 -3.426  -2.457 1 A_DG1:DC8_A  A 1 ? A 8 ? 19 1 
1 A 5CM 2 1_555 A DG  7 7_556 0.268  -0.086 0.027  4.008  -13.602 1.033  2 A_5CM2:DG7_A A 2 ? A 7 ? 19 1 
1 A DG  3 1_555 A 5CM 6 7_556 -0.171 -0.075 -0.054 -6.402 -13.471 2.630  3 A_DG3:5CM6_A A 3 ? A 6 ? 19 1 
1 A 5CM 4 1_555 A DG  5 7_556 0.238  0.034  -0.064 -2.170 -8.019  4.369  4 A_5CM4:DG5_A A 4 ? A 5 ? 19 1 
1 A DG  5 1_555 A 5CM 4 7_556 -0.238 0.034  -0.064 2.170  -8.019  4.369  5 A_DG5:5CM4_A A 5 ? A 4 ? 19 1 
1 A 5CM 6 1_555 A DG  3 7_556 0.171  -0.075 -0.054 6.402  -13.471 2.630  6 A_5CM6:DG3_A A 6 ? A 3 ? 19 1 
1 A DG  7 1_555 A 5CM 2 7_556 -0.268 -0.086 0.027  -4.008 -13.602 1.033  7 A_DG7:5CM2_A A 7 ? A 2 ? 19 1 
1 A DC  8 1_555 A DG  1 7_556 0.521  0.030  -0.010 5.450  -3.426  -2.457 8 A_DC8:DG1_A  A 8 ? A 1 ? 19 1 
# 
loop_
_ndb_struct_na_base_pair_step.model_number 
_ndb_struct_na_base_pair_step.i_label_asym_id_1 
_ndb_struct_na_base_pair_step.i_label_comp_id_1 
_ndb_struct_na_base_pair_step.i_label_seq_id_1 
_ndb_struct_na_base_pair_step.i_symmetry_1 
_ndb_struct_na_base_pair_step.j_label_asym_id_1 
_ndb_struct_na_base_pair_step.j_label_comp_id_1 
_ndb_struct_na_base_pair_step.j_label_seq_id_1 
_ndb_struct_na_base_pair_step.j_symmetry_1 
_ndb_struct_na_base_pair_step.i_label_asym_id_2 
_ndb_struct_na_base_pair_step.i_label_comp_id_2 
_ndb_struct_na_base_pair_step.i_label_seq_id_2 
_ndb_struct_na_base_pair_step.i_symmetry_2 
_ndb_struct_na_base_pair_step.j_label_asym_id_2 
_ndb_struct_na_base_pair_step.j_label_comp_id_2 
_ndb_struct_na_base_pair_step.j_label_seq_id_2 
_ndb_struct_na_base_pair_step.j_symmetry_2 
_ndb_struct_na_base_pair_step.shift 
_ndb_struct_na_base_pair_step.slide 
_ndb_struct_na_base_pair_step.rise 
_ndb_struct_na_base_pair_step.tilt 
_ndb_struct_na_base_pair_step.roll 
_ndb_struct_na_base_pair_step.twist 
_ndb_struct_na_base_pair_step.x_displacement 
_ndb_struct_na_base_pair_step.y_displacement 
_ndb_struct_na_base_pair_step.helical_rise 
_ndb_struct_na_base_pair_step.inclination 
_ndb_struct_na_base_pair_step.tip 
_ndb_struct_na_base_pair_step.helical_twist 
_ndb_struct_na_base_pair_step.step_number 
_ndb_struct_na_base_pair_step.step_name 
_ndb_struct_na_base_pair_step.i_auth_asym_id_1 
_ndb_struct_na_base_pair_step.i_auth_seq_id_1 
_ndb_struct_na_base_pair_step.i_PDB_ins_code_1 
_ndb_struct_na_base_pair_step.j_auth_asym_id_1 
_ndb_struct_na_base_pair_step.j_auth_seq_id_1 
_ndb_struct_na_base_pair_step.j_PDB_ins_code_1 
_ndb_struct_na_base_pair_step.i_auth_asym_id_2 
_ndb_struct_na_base_pair_step.i_auth_seq_id_2 
_ndb_struct_na_base_pair_step.i_PDB_ins_code_2 
_ndb_struct_na_base_pair_step.j_auth_asym_id_2 
_ndb_struct_na_base_pair_step.j_auth_seq_id_2 
_ndb_struct_na_base_pair_step.j_PDB_ins_code_2 
1 A DG  1 1_555 A DC  8 7_556 A 5CM 2 1_555 A DG  7 7_556 0.248  -1.423 3.174 -1.180 5.219  35.007 -3.061 -0.571 2.928 8.614  
1.948  35.401 1 AA_DG15CM2:DG7DC8_AA  A 1 ? A 8 ? A 2 ? A 7 ? 
1 A 5CM 2 1_555 A DG  7 7_556 A DG  3 1_555 A 5CM 6 7_556 -0.048 -1.602 3.605 0.992  10.904 29.825 -4.974 0.273  2.854 20.343 
-1.851 31.728 2 AA_5CM2DG3:5CM6DG7_AA A 2 ? A 7 ? A 3 ? A 6 ? 
1 A DG  3 1_555 A 5CM 6 7_556 A 5CM 4 1_555 A DG  5 7_556 0.089  -1.562 3.256 1.208  0.106  37.386 -2.450 0.019  3.253 0.166  
-1.884 37.405 3 AA_DG35CM4:DG55CM6_AA A 3 ? A 6 ? A 4 ? A 5 ? 
1 A 5CM 4 1_555 A DG  5 7_556 A DG  5 1_555 A 5CM 4 7_556 0.000  -1.921 3.339 0.000  4.428  20.275 -7.172 0.000  2.858 12.389 
0.000  20.748 4 AA_5CM4DG5:5CM4DG5_AA A 4 ? A 5 ? A 5 ? A 4 ? 
1 A DG  5 1_555 A 5CM 4 7_556 A 5CM 6 1_555 A DG  3 7_556 -0.089 -1.562 3.256 -1.208 0.106  37.386 -2.450 -0.019 3.253 0.166  
1.884  37.404 5 AA_DG55CM6:DG35CM4_AA A 5 ? A 4 ? A 6 ? A 3 ? 
1 A 5CM 6 1_555 A DG  3 7_556 A DG  7 1_555 A 5CM 2 7_556 0.048  -1.602 3.605 -0.992 10.904 29.825 -4.974 -0.273 2.854 20.343 
1.850  31.728 6 AA_5CM6DG7:5CM2DG3_AA A 6 ? A 3 ? A 7 ? A 2 ? 
1 A DG  7 1_555 A 5CM 2 7_556 A DC  8 1_555 A DG  1 7_556 -0.248 -1.423 3.174 1.180  5.219  35.007 -3.061 0.571  2.928 8.614  
-1.948 35.401 7 AA_DG7DC8:DG15CM2_AA  A 7 ? A 2 ? A 8 ? A 1 ? 
# 
_atom_sites.entry_id                    346D 
_atom_sites.fract_transf_matrix[1][1]   0.00960880 
_atom_sites.fract_transf_matrix[1][2]   0.01336714 
_atom_sites.fract_transf_matrix[1][3]   0.01606065 
_atom_sites.fract_transf_matrix[2][1]   -0.01446718 
_atom_sites.fract_transf_matrix[2][2]   0.01701103 
_atom_sites.fract_transf_matrix[2][3]   -0.00550268 
_atom_sites.fract_transf_matrix[3][1]   -0.02622256 
_atom_sites.fract_transf_matrix[3][2]   -0.01357231 
_atom_sites.fract_transf_matrix[3][3]   0.02698461 
_atom_sites.fract_transf_vector[1]      0.770698 
_atom_sites.fract_transf_vector[2]      0.785988 
_atom_sites.fract_transf_vector[3]      0.585964 
# 
loop_
_atom_type.symbol 
C 
N 
O 
P 
# 
loop_
_atom_site.group_PDB 
_atom_site.id 
_atom_site.type_symbol 
_atom_site.label_atom_id 
_atom_site.label_alt_id 
_atom_site.label_comp_id 
_atom_site.label_asym_id 
_atom_site.label_entity_id 
_atom_site.label_seq_id 
_atom_site.pdbx_PDB_ins_code 
_atom_site.Cartn_x 
_atom_site.Cartn_y 
_atom_site.Cartn_z 
_atom_site.occupancy 
_atom_site.B_iso_or_equiv 
_atom_site.pdbx_formal_charge 
_atom_site.auth_seq_id 
_atom_site.auth_comp_id 
_atom_site.auth_asym_id 
_atom_site.auth_atom_id 
_atom_site.pdbx_PDB_model_num 
ATOM   1   O "O5'" . DG  A 1 1 ? -1.295 12.548  -6.102  1.00 24.46 ? 1  DG  A "O5'" 1 
ATOM   2   C "C5'" . DG  A 1 1 ? -2.288 13.582  -6.078  1.00 22.01 ? 1  DG  A "C5'" 1 
ATOM   3   C "C4'" . DG  A 1 1 ? -3.651 13.151  -6.570  1.00 21.14 ? 1  DG  A "C4'" 1 
ATOM   4   O "O4'" . DG  A 1 1 ? -3.610 12.809  -7.974  1.00 20.97 ? 1  DG  A "O4'" 1 
ATOM   5   C "C3'" . DG  A 1 1 ? -4.203 11.903  -5.887  1.00 21.37 ? 1  DG  A "C3'" 1 
ATOM   6   O "O3'" . DG  A 1 1 ? -4.960 12.279  -4.744  1.00 25.28 ? 1  DG  A "O3'" 1 
ATOM   7   C "C2'" . DG  A 1 1 ? -5.138 11.339  -6.940  1.00 20.08 ? 1  DG  A "C2'" 1 
ATOM   8   C "C1'" . DG  A 1 1 ? -4.390 11.643  -8.228  1.00 19.40 ? 1  DG  A "C1'" 1 
ATOM   9   N N9    . DG  A 1 1 ? -3.479 10.567  -8.618  1.00 20.77 ? 1  DG  A N9    1 
ATOM   10  C C8    . DG  A 1 1 ? -2.106 10.577  -8.564  1.00 22.56 ? 1  DG  A C8    1 
ATOM   11  N N7    . DG  A 1 1 ? -1.567 9.463   -8.978  1.00 22.60 ? 1  DG  A N7    1 
ATOM   12  C C5    . DG  A 1 1 ? -2.650 8.669   -9.324  1.00 21.17 ? 1  DG  A C5    1 
ATOM   13  C C6    . DG  A 1 1 ? -2.691 7.376   -9.906  1.00 21.26 ? 1  DG  A C6    1 
ATOM   14  O O6    . DG  A 1 1 ? -1.756 6.612   -10.170 1.00 22.60 ? 1  DG  A O6    1 
ATOM   15  N N1    . DG  A 1 1 ? -3.989 6.989   -10.185 1.00 21.47 ? 1  DG  A N1    1 
ATOM   16  C C2    . DG  A 1 1 ? -5.103 7.737   -9.929  1.00 21.27 ? 1  DG  A C2    1 
ATOM   17  N N2    . DG  A 1 1 ? -6.260 7.181   -10.267 1.00 21.91 ? 1  DG  A N2    1 
ATOM   18  N N3    . DG  A 1 1 ? -5.087 8.935   -9.382  1.00 20.55 ? 1  DG  A N3    1 
ATOM   19  C C4    . DG  A 1 1 ? -3.835 9.338   -9.108  1.00 20.20 ? 1  DG  A C4    1 
HETATM 20  N N1    . 5CM A 1 2 ? -5.573 6.891   -6.489  1.00 21.29 ? 2  5CM A N1    1 
HETATM 21  C C2    . 5CM A 1 2 ? -5.256 5.693   -7.130  1.00 20.15 ? 2  5CM A C2    1 
HETATM 22  N N3    . 5CM A 1 2 ? -3.961 5.334   -7.268  1.00 19.10 ? 2  5CM A N3    1 
HETATM 23  C C4    . 5CM A 1 2 ? -3.002 6.120   -6.780  1.00 18.68 ? 2  5CM A C4    1 
HETATM 24  C C5    . 5CM A 1 2 ? -3.297 7.348   -6.118  1.00 19.47 ? 2  5CM A C5    1 
HETATM 25  C C5A   . 5CM A 1 2 ? -2.175 8.181   -5.578  1.00 18.31 ? 2  5CM A C5A   1 
HETATM 26  C C6    . 5CM A 1 2 ? -4.585 7.694   -6.001  1.00 18.36 ? 2  5CM A C6    1 
HETATM 27  O O2    . 5CM A 1 2 ? -6.178 4.985   -7.560  1.00 20.69 ? 2  5CM A O2    1 
HETATM 28  N N4    . 5CM A 1 2 ? -1.745 5.721   -6.933  1.00 17.55 ? 2  5CM A N4    1 
HETATM 29  C "C1'" . 5CM A 1 2 ? -6.979 7.240   -6.347  1.00 23.24 ? 2  5CM A "C1'" 1 
HETATM 30  C "C2'" . 5CM A 1 2 ? -7.631 6.501   -5.181  1.00 23.58 ? 2  5CM A "C2'" 1 
HETATM 31  C "C3'" . 5CM A 1 2 ? -7.545 7.532   -4.077  1.00 26.31 ? 2  5CM A "C3'" 1 
HETATM 32  C "C4'" . 5CM A 1 2 ? -7.813 8.817   -4.846  1.00 25.34 ? 2  5CM A "C4'" 1 
HETATM 33  O "O4'" . 5CM A 1 2 ? -7.068 8.635   -6.068  1.00 25.21 ? 2  5CM A "O4'" 1 
HETATM 34  O "O3'" . 5CM A 1 2 ? -8.541 7.305   -3.082  1.00 31.33 ? 2  5CM A "O3'" 1 
HETATM 35  C "C5'" . 5CM A 1 2 ? -7.311 10.060  -4.157  1.00 25.77 ? 2  5CM A "C5'" 1 
HETATM 36  O "O5'" . 5CM A 1 2 ? -5.888 10.048  -4.124  1.00 25.48 ? 2  5CM A "O5'" 1 
HETATM 37  P P     . 5CM A 1 2 ? -5.079 11.270  -3.517  1.00 26.29 ? 2  5CM A P     1 
HETATM 38  O OP1   . 5CM A 1 2 ? -5.911 11.881  -2.451  1.00 30.88 ? 2  5CM A OP1   1 
HETATM 39  O OP2   . 5CM A 1 2 ? -3.696 10.835  -3.227  1.00 26.74 ? 2  5CM A OP2   1 
ATOM   40  P P     . DG  A 1 3 ? -8.179 6.407   -1.803  1.00 31.65 ? 3  DG  A P     1 
ATOM   41  O OP1   . DG  A 1 3 ? -9.326 6.451   -0.866  1.00 34.69 ? 3  DG  A OP1   1 
ATOM   42  O OP2   . DG  A 1 3 ? -6.823 6.786   -1.326  1.00 34.28 ? 3  DG  A OP2   1 
ATOM   43  O "O5'" . DG  A 1 3 ? -8.099 4.935   -2.392  1.00 30.34 ? 3  DG  A "O5'" 1 
ATOM   44  C "C5'" . DG  A 1 3 ? -9.249 4.109   -2.404  1.00 27.61 ? 3  DG  A "C5'" 1 
ATOM   45  C "C4'" . DG  A 1 3 ? -8.924 2.797   -3.075  1.00 26.18 ? 3  DG  A "C4'" 1 
ATOM   46  O "O4'" . DG  A 1 3 ? -8.128 3.061   -4.247  1.00 24.78 ? 3  DG  A "O4'" 1 
ATOM   47  C "C3'" . DG  A 1 3 ? -8.058 1.847   -2.261  1.00 25.44 ? 3  DG  A "C3'" 1 
ATOM   48  O "O3'" . DG  A 1 3 ? -8.851 1.074   -1.357  1.00 27.79 ? 3  DG  A "O3'" 1 
ATOM   49  C "C2'" . DG  A 1 3 ? -7.510 0.955   -3.355  1.00 23.95 ? 3  DG  A "C2'" 1 
ATOM   50  C "C1'" . DG  A 1 3 ? -7.277 1.945   -4.488  1.00 22.13 ? 3  DG  A "C1'" 1 
ATOM   51  N N9    . DG  A 1 3 ? -5.904 2.411   -4.468  1.00 18.28 ? 3  DG  A N9    1 
ATOM   52  C C8    . DG  A 1 3 ? -5.428 3.622   -4.039  1.00 16.03 ? 3  DG  A C8    1 
ATOM   53  N N7    . DG  A 1 3 ? -4.129 3.718   -4.129  1.00 17.68 ? 3  DG  A N7    1 
ATOM   54  C C5    . DG  A 1 3 ? -3.731 2.498   -4.655  1.00 17.77 ? 3  DG  A C5    1 
ATOM   55  C C6    . DG  A 1 3 ? -2.438 2.015   -5.008  1.00 17.61 ? 3  DG  A C6    1 
ATOM   56  O O6    . DG  A 1 3 ? -1.340 2.582   -4.903  1.00 19.64 ? 3  DG  A O6    1 
ATOM   57  N N1    . DG  A 1 3 ? -2.504 0.732   -5.534  1.00 16.70 ? 3  DG  A N1    1 
ATOM   58  C C2    . DG  A 1 3 ? -3.654 0.010   -5.703  1.00 17.32 ? 3  DG  A C2    1 
ATOM   59  N N2    . DG  A 1 3 ? -3.511 -1.208  -6.222  1.00 15.79 ? 3  DG  A N2    1 
ATOM   60  N N3    . DG  A 1 3 ? -4.855 0.443   -5.385  1.00 17.83 ? 3  DG  A N3    1 
ATOM   61  C C4    . DG  A 1 3 ? -4.818 1.685   -4.869  1.00 17.10 ? 3  DG  A C4    1 
HETATM 62  N N1    . 5CM A 1 4 ? -3.808 -1.785  -2.570  1.00 18.17 ? 4  5CM A N1    1 
HETATM 63  C C2    . 5CM A 1 4 ? -2.455 -1.858  -2.914  1.00 17.44 ? 4  5CM A C2    1 
HETATM 64  N N3    . 5CM A 1 4 ? -1.652 -0.801  -2.656  1.00 18.05 ? 4  5CM A N3    1 
HETATM 65  C C4    . 5CM A 1 4 ? -2.155 0.288   -2.065  1.00 16.72 ? 4  5CM A C4    1 
HETATM 66  C C5    . 5CM A 1 4 ? -3.525 0.379   -1.692  1.00 16.68 ? 4  5CM A C5    1 
HETATM 67  C C5A   . 5CM A 1 4 ? -4.028 1.622   -1.026  1.00 17.78 ? 4  5CM A C5A   1 
HETATM 68  C C6    . 5CM A 1 4 ? -4.307 -0.671  -1.954  1.00 17.92 ? 4  5CM A C6    1 
HETATM 69  O O2    . 5CM A 1 4 ? -2.021 -2.888  -3.453  1.00 15.80 ? 4  5CM A O2    1 
HETATM 70  N N4    . 5CM A 1 4 ? -1.329 1.299   -1.840  1.00 16.23 ? 4  5CM A N4    1 
HETATM 71  C "C1'" . 5CM A 1 4 ? -4.674 -2.903  -2.870  1.00 18.49 ? 4  5CM A "C1'" 1 
HETATM 72  C "C2'" . 5CM A 1 4 ? -4.774 -3.887  -1.714  1.00 18.97 ? 4  5CM A "C2'" 1 
HETATM 73  C "C3'" . 5CM A 1 4 ? -6.009 -3.404  -0.979  1.00 19.09 ? 4  5CM A "C3'" 1 
HETATM 74  C "C4'" . 5CM A 1 4 ? -6.898 -2.929  -2.116  1.00 21.22 ? 4  5CM A "C4'" 1 
HETATM 75  O "O4'" . 5CM A 1 4 ? -5.981 -2.382  -3.090  1.00 20.00 ? 4  5CM A "O4'" 1 
HETATM 76  O "O3'" . 5CM A 1 4 ? -6.643 -4.477  -0.290  1.00 22.21 ? 4  5CM A "O3'" 1 
HETATM 77  C "C5'" . 5CM A 1 4 ? -7.912 -1.887  -1.704  1.00 22.76 ? 4  5CM A "C5'" 1 
HETATM 78  O "O5'" . 5CM A 1 4 ? -7.276 -0.852  -0.958  1.00 25.79 ? 4  5CM A "O5'" 1 
HETATM 79  P P     . 5CM A 1 4 ? -8.135 0.242   -0.184  1.00 27.77 ? 4  5CM A P     1 
HETATM 80  O OP1   . 5CM A 1 4 ? -9.189 -0.463  0.593   1.00 30.96 ? 4  5CM A OP1   1 
HETATM 81  O OP2   . 5CM A 1 4 ? -7.199 1.159   0.513   1.00 29.42 ? 4  5CM A OP2   1 
ATOM   82  P P     . DG  A 1 5 ? -5.980 -5.039  1.050   1.00 22.88 ? 5  DG  A P     1 
ATOM   83  O OP1   . DG  A 1 5 ? -6.882 -6.061  1.645   1.00 26.75 ? 5  DG  A OP1   1 
ATOM   84  O OP2   . DG  A 1 5 ? -5.578 -3.851  1.844   1.00 24.87 ? 5  DG  A OP2   1 
ATOM   85  O "O5'" . DG  A 1 5 ? -4.658 -5.746  0.522   1.00 21.14 ? 5  DG  A "O5'" 1 
ATOM   86  C "C5'" . DG  A 1 5 ? -3.602 -6.106  1.403   1.00 18.68 ? 5  DG  A "C5'" 1 
ATOM   87  C "C4'" . DG  A 1 5 ? -2.397 -6.518  0.594   1.00 17.29 ? 5  DG  A "C4'" 1 
ATOM   88  O "O4'" . DG  A 1 5 ? -2.138 -5.501  -0.395  1.00 16.40 ? 5  DG  A "O4'" 1 
ATOM   89  C "C3'" . DG  A 1 5 ? -1.090 -6.648  1.362   1.00 18.55 ? 5  DG  A "C3'" 1 
ATOM   90  O "O3'" . DG  A 1 5 ? -0.980 -7.973  1.885   1.00 21.66 ? 5  DG  A "O3'" 1 
ATOM   91  C "C2'" . DG  A 1 5 ? -0.065 -6.433  0.266   1.00 15.95 ? 5  DG  A "C2'" 1 
ATOM   92  C "C1'" . DG  A 1 5 ? -0.736 -5.376  -0.602  1.00 14.36 ? 5  DG  A "C1'" 1 
ATOM   93  N N9    . DG  A 1 5 ? -0.367 -4.021  -0.228  1.00 14.05 ? 5  DG  A N9    1 
ATOM   94  C C8    . DG  A 1 5 ? -1.185 -3.069  0.327   1.00 12.50 ? 5  DG  A C8    1 
ATOM   95  N N7    . DG  A 1 5 ? -0.575 -1.936  0.547   1.00 14.55 ? 5  DG  A N7    1 
ATOM   96  C C5    . DG  A 1 5 ? 0.724  -2.153  0.108   1.00 13.12 ? 5  DG  A C5    1 
ATOM   97  C C6    . DG  A 1 5 ? 1.832  -1.274  0.054   1.00 12.27 ? 5  DG  A C6    1 
ATOM   98  O O6    . DG  A 1 5 ? 1.894  -0.090  0.404   1.00 14.76 ? 5  DG  A O6    1 
ATOM   99  N N1    . DG  A 1 5 ? 2.950  -1.900  -0.480  1.00 12.41 ? 5  DG  A N1    1 
ATOM   100 C C2    . DG  A 1 5 ? 2.993  -3.193  -0.915  1.00 11.16 ? 5  DG  A C2    1 
ATOM   101 N N2    . DG  A 1 5 ? 4.167  -3.602  -1.390  1.00 11.23 ? 5  DG  A N2    1 
ATOM   102 N N3    . DG  A 1 5 ? 1.968  -4.023  -0.884  1.00 11.12 ? 5  DG  A N3    1 
ATOM   103 C C4    . DG  A 1 5 ? 0.872  -3.439  -0.364  1.00 12.78 ? 5  DG  A C4    1 
HETATM 104 N N1    . 5CM A 1 6 ? 3.920  -5.208  1.952   1.00 13.61 ? 6  5CM A N1    1 
HETATM 105 C C2    . 5CM A 1 6 ? 4.767  -4.101  1.978   1.00 13.87 ? 6  5CM A C2    1 
HETATM 106 N N3    . 5CM A 1 6 ? 4.317  -2.933  2.491   1.00 11.47 ? 6  5CM A N3    1 
HETATM 107 C C4    . 5CM A 1 6 ? 3.072  -2.856  2.965   1.00 10.44 ? 6  5CM A C4    1 
HETATM 108 C C5    . 5CM A 1 6 ? 2.194  -3.974  2.963   1.00 9.93  ? 6  5CM A C5    1 
HETATM 109 C C5A   . 5CM A 1 6 ? 0.814  -3.821  3.525   1.00 10.03 ? 6  5CM A C5A   1 
HETATM 110 C C6    . 5CM A 1 6 ? 2.651  -5.120  2.449   1.00 11.28 ? 6  5CM A C6    1 
HETATM 111 O O2    . 5CM A 1 6 ? 5.919  -4.214  1.532   1.00 16.51 ? 6  5CM A O2    1 
HETATM 112 N N4    . 5CM A 1 6 ? 2.666  -1.687  3.440   1.00 9.96  ? 6  5CM A N4    1 
HETATM 113 C "C1'" . 5CM A 1 6 ? 4.420  -6.442  1.390   1.00 14.71 ? 6  5CM A "C1'" 1 
HETATM 114 C "C2'" . 5CM A 1 6 ? 5.194  -7.234  2.439   1.00 18.44 ? 6  5CM A "C2'" 1 
HETATM 115 C "C3'" . 5CM A 1 6 ? 4.090  -8.089  3.026   1.00 21.55 ? 6  5CM A "C3'" 1 
HETATM 116 C "C4'" . 5CM A 1 6 ? 3.310  -8.460  1.770   1.00 17.79 ? 6  5CM A "C4'" 1 
HETATM 117 O "O4'" . 5CM A 1 6 ? 3.299  -7.237  1.005   1.00 16.72 ? 6  5CM A "O4'" 1 
HETATM 118 O "O3'" . 5CM A 1 6 ? 4.615  -9.242  3.693   1.00 24.86 ? 6  5CM A "O3'" 1 
HETATM 119 C "C5'" . 5CM A 1 6 ? 1.888  -8.900  2.013   1.00 16.20 ? 6  5CM A "C5'" 1 
HETATM 120 O "O5'" . 5CM A 1 6 ? 1.272  -8.048  2.963   1.00 17.33 ? 6  5CM A "O5'" 1 
HETATM 121 P P     . 5CM A 1 6 ? -0.271 -8.212  3.302   1.00 19.71 ? 6  5CM A P     1 
HETATM 122 O OP1   . 5CM A 1 6 ? -0.518 -9.621  3.688   1.00 23.55 ? 6  5CM A OP1   1 
HETATM 123 O OP2   . 5CM A 1 6 ? -0.689 -7.116  4.214   1.00 20.26 ? 6  5CM A OP2   1 
ATOM   124 P P     . DG  A 1 7 ? 4.887  -9.180  5.276   1.00 25.91 ? 7  DG  A P     1 
ATOM   125 O OP1   . DG  A 1 7 ? 5.178  -10.548 5.757   1.00 29.70 ? 7  DG  A OP1   1 
ATOM   126 O OP2   . DG  A 1 7 ? 3.797  -8.397  5.923   1.00 27.46 ? 7  DG  A OP2   1 
ATOM   127 O "O5'" . DG  A 1 7 ? 6.225  -8.332  5.384   1.00 23.39 ? 7  DG  A "O5'" 1 
ATOM   128 C "C5'" . DG  A 1 7 ? 7.423  -8.799  4.784   1.00 20.38 ? 7  DG  A "C5'" 1 
ATOM   129 C "C4'" . DG  A 1 7 ? 8.465  -7.711  4.835   1.00 19.86 ? 7  DG  A "C4'" 1 
ATOM   130 O "O4'" . DG  A 1 7 ? 7.939  -6.547  4.169   1.00 17.98 ? 7  DG  A "O4'" 1 
ATOM   131 C "C3'" . DG  A 1 7 ? 8.786  -7.217  6.240   1.00 20.92 ? 7  DG  A "C3'" 1 
ATOM   132 O "O3'" . DG  A 1 7 ? 9.810  -8.021  6.822   1.00 25.90 ? 7  DG  A "O3'" 1 
ATOM   133 C "C2'" . DG  A 1 7 ? 9.313  -5.825  5.963   1.00 17.73 ? 7  DG  A "C2'" 1 
ATOM   134 C "C1'" . DG  A 1 7 ? 8.440  -5.370  4.802   1.00 16.11 ? 7  DG  A "C1'" 1 
ATOM   135 N N9    . DG  A 1 7 ? 7.297  -4.570  5.243   1.00 13.98 ? 7  DG  A N9    1 
ATOM   136 C C8    . DG  A 1 7 ? 5.983  -4.958  5.338   1.00 13.56 ? 7  DG  A C8    1 
ATOM   137 N N7    . DG  A 1 7 ? 5.195  -3.997  5.741   1.00 13.35 ? 7  DG  A N7    1 
ATOM   138 C C5    . DG  A 1 7 ? 6.040  -2.912  5.926   1.00 13.65 ? 7  DG  A C5    1 
ATOM   139 C C6    . DG  A 1 7 ? 5.756  -1.567  6.309   1.00 13.24 ? 7  DG  A C6    1 
ATOM   140 O O6    . DG  A 1 7 ? 4.665  -1.051  6.582   1.00 14.90 ? 7  DG  A O6    1 
ATOM   141 N N1    . DG  A 1 7 ? 6.909  -0.798  6.351   1.00 13.68 ? 7  DG  A N1    1 
ATOM   142 C C2    . DG  A 1 7 ? 8.164  -1.251  6.052   1.00 13.45 ? 7  DG  A C2    1 
ATOM   143 N N2    . DG  A 1 7 ? 9.140  -0.360  6.151   1.00 11.78 ? 7  DG  A N2    1 
ATOM   144 N N3    . DG  A 1 7 ? 8.443  -2.485  5.684   1.00 14.91 ? 7  DG  A N3    1 
ATOM   145 C C4    . DG  A 1 7 ? 7.342  -3.255  5.640   1.00 14.31 ? 7  DG  A C4    1 
ATOM   146 P P     . DC  A 1 8 ? 10.004 -8.038  8.415   1.00 26.52 ? 8  DC  A P     1 
ATOM   147 O OP1   . DC  A 1 8 ? 11.112 -8.988  8.678   1.00 32.07 ? 8  DC  A OP1   1 
ATOM   148 O OP2   . DC  A 1 8 ? 8.684  -8.252  9.048   1.00 27.68 ? 8  DC  A OP2   1 
ATOM   149 O "O5'" . DC  A 1 8 ? 10.490 -6.567  8.774   1.00 28.08 ? 8  DC  A "O5'" 1 
ATOM   150 C "C5'" . DC  A 1 8 ? 11.701 -6.041  8.239   1.00 30.78 ? 8  DC  A "C5'" 1 
ATOM   151 C "C4'" . DC  A 1 8 ? 12.043 -4.744  8.930   1.00 33.30 ? 8  DC  A "C4'" 1 
ATOM   152 O "O4'" . DC  A 1 8 ? 11.011 -3.781  8.604   1.00 33.41 ? 8  DC  A "O4'" 1 
ATOM   153 C "C3'" . DC  A 1 8 ? 12.068 -4.882  10.457  1.00 35.42 ? 8  DC  A "C3'" 1 
ATOM   154 O "O3'" . DC  A 1 8 ? 13.353 -4.603  11.049  1.00 40.33 ? 8  DC  A "O3'" 1 
ATOM   155 C "C2'" . DC  A 1 8 ? 10.928 -4.007  10.949  1.00 34.26 ? 8  DC  A "C2'" 1 
ATOM   156 C "C1'" . DC  A 1 8 ? 10.560 -3.116  9.771   1.00 30.99 ? 8  DC  A "C1'" 1 
ATOM   157 N N1    . DC  A 1 8 ? 9.108  -2.930  9.651   1.00 26.39 ? 8  DC  A N1    1 
ATOM   158 C C2    . DC  A 1 8 ? 8.571  -1.647  9.824   1.00 22.88 ? 8  DC  A C2    1 
ATOM   159 O O2    . DC  A 1 8 ? 9.342  -0.697  10.035  1.00 21.67 ? 8  DC  A O2    1 
ATOM   160 N N3    . DC  A 1 8 ? 7.230  -1.478  9.761   1.00 18.91 ? 8  DC  A N3    1 
ATOM   161 C C4    . DC  A 1 8 ? 6.440  -2.528  9.531   1.00 20.02 ? 8  DC  A C4    1 
ATOM   162 N N4    . DC  A 1 8 ? 5.128  -2.318  9.507   1.00 18.23 ? 8  DC  A N4    1 
ATOM   163 C C5    . DC  A 1 8 ? 6.963  -3.839  9.327   1.00 21.88 ? 8  DC  A C5    1 
ATOM   164 C C6    . DC  A 1 8 ? 8.291  -3.992  9.391   1.00 23.91 ? 8  DC  A C6    1 
HETATM 165 O O     . HOH B 2 . ? -4.438 14.815  -2.270  1.00 35.06 ? 9  HOH A O     1 
HETATM 166 O O     . HOH B 2 . ? -2.012 5.408   -2.675  1.00 38.63 ? 10 HOH A O     1 
HETATM 167 O O     . HOH B 2 . ? 3.591  -4.591  9.443   1.00 33.56 ? 11 HOH A O     1 
HETATM 168 O O     . HOH B 2 . ? 1.209  9.171   -8.938  1.00 37.25 ? 12 HOH A O     1 
HETATM 169 O O     . HOH B 2 . ? 2.440  -8.773  -1.825  1.00 45.16 ? 13 HOH A O     1 
HETATM 170 O O     . HOH B 2 . ? 0.325  4.332   -3.914  1.00 37.05 ? 14 HOH A O     1 
HETATM 171 O O     . HOH B 2 . ? 0.884  6.078   0.730   0.50 54.98 ? 15 HOH A O     1 
HETATM 172 O O     . HOH B 2 . ? 2.780  -5.720  -3.361  0.50 44.07 ? 16 HOH A O     1 
HETATM 173 O O     . HOH B 2 . ? 1.710  -1.493  6.094   1.00 41.88 ? 17 HOH A O     1 
HETATM 174 O O     . HOH B 2 . ? 12.371 0.787   9.944   1.00 64.46 ? 18 HOH A O     1 
HETATM 175 O O     . HOH B 2 . ? 1.611  -6.934  5.979   1.00 29.04 ? 19 HOH A O     1 
HETATM 176 O O     . HOH B 2 . ? -3.613 7.809   -1.992  1.00 37.61 ? 20 HOH A O     1 
HETATM 177 O O     . HOH B 2 . ? 5.077  -7.096  9.199   1.00 29.49 ? 21 HOH A O     1 
HETATM 178 O O     . HOH B 2 . ? 2.648  -4.238  6.617   1.00 23.51 ? 22 HOH A O     1 
HETATM 179 O O     . HOH B 2 . ? 11.510 -2.481  5.709   1.00 44.73 ? 23 HOH A O     1 
HETATM 180 O O     . HOH B 2 . ? 0.853  6.038   -9.804  1.00 64.93 ? 24 HOH A O     1 
HETATM 181 O O     . HOH B 2 . ? -1.827 4.095   -0.088  1.00 71.73 ? 25 HOH A O     1 
HETATM 182 O O     . HOH B 2 . ? -1.439 11.390  -3.963  1.00 42.15 ? 26 HOH A O     1 
# 
